data_8UB0
#
_entry.id   8UB0
#
_cell.length_a   100.829
_cell.length_b   32.807
_cell.length_c   74.156
_cell.angle_alpha   90.00
_cell.angle_beta   90.18
_cell.angle_gamma   90.00
#
_symmetry.space_group_name_H-M   'C 1 2 1'
#
loop_
_entity.id
_entity.type
_entity.pdbx_description
1 polymer 'Ribonuclease pancreatic'
2 non-polymer 'ADENOSINE MONOPHOSPHATE'
3 non-polymer DI(HYDROXYETHYL)ETHER
4 non-polymer '(2S)-2-{[(R)-{[(2R,3S,4R,5R)-5-(6-amino-9H-purin-9-yl)-3,4-dihydroxyoxolan-2-yl]methoxy}(hydroxy)phosphoryl]amino}-3-(1H-imidazol-4-yl)propanoic acid (non-preferred name)'
5 water water
#
_entity_poly.entity_id   1
_entity_poly.type   'polypeptide(L)'
_entity_poly.pdbx_seq_one_letter_code
;KETAAAKFERQHMDSSTSAASSSNYCNQMMKSRNLTKDRCKPVNTFVHESLADVQAVCSQKNVACKNGQTNCYQSYSTMS
ITDCRETGSSKYPNCAYKTTQANKHIIVACEGNPYVPVHFDASV
;
_entity_poly.pdbx_strand_id   A,B
#
# COMPACT_ATOMS: atom_id res chain seq x y z
N LYS A 1 -13.06 1.15 -14.44
CA LYS A 1 -13.36 -0.08 -13.66
C LYS A 1 -12.05 -0.82 -13.42
N GLU A 2 -11.70 -0.99 -12.13
CA GLU A 2 -10.62 -1.86 -11.71
C GLU A 2 -10.68 -3.18 -12.47
N THR A 3 -9.57 -3.59 -13.09
CA THR A 3 -9.51 -4.87 -13.79
C THR A 3 -9.51 -5.99 -12.77
N ALA A 4 -9.91 -7.17 -13.23
CA ALA A 4 -9.92 -8.36 -12.39
C ALA A 4 -8.50 -8.64 -11.88
N ALA A 5 -7.50 -8.39 -12.73
CA ALA A 5 -6.11 -8.65 -12.37
C ALA A 5 -5.70 -7.72 -11.23
N ALA A 6 -6.13 -6.47 -11.31
CA ALA A 6 -5.82 -5.47 -10.31
C ALA A 6 -6.55 -5.80 -9.01
N LYS A 7 -7.81 -6.24 -9.12
CA LYS A 7 -8.58 -6.56 -7.94
C LYS A 7 -7.90 -7.69 -7.18
N PHE A 8 -7.38 -8.69 -7.91
CA PHE A 8 -6.70 -9.81 -7.29
C PHE A 8 -5.51 -9.33 -6.45
N GLU A 9 -4.70 -8.42 -7.01
CA GLU A 9 -3.55 -7.91 -6.29
C GLU A 9 -4.00 -7.19 -5.03
N ARG A 10 -5.06 -6.39 -5.14
CA ARG A 10 -5.57 -5.64 -4.01
C ARG A 10 -5.99 -6.63 -2.90
N GLN A 11 -6.71 -7.68 -3.30
CA GLN A 11 -7.38 -8.54 -2.34
C GLN A 11 -6.43 -9.56 -1.73
N HIS A 12 -5.42 -10.02 -2.49
CA HIS A 12 -4.72 -11.25 -2.16
C HIS A 12 -3.20 -11.13 -2.18
N MET A 13 -2.63 -10.02 -2.70
CA MET A 13 -1.18 -9.89 -2.79
C MET A 13 -0.64 -8.97 -1.72
N ASP A 14 0.30 -9.49 -0.91
CA ASP A 14 1.03 -8.70 0.07
C ASP A 14 2.48 -9.19 0.13
N SER A 15 3.32 -8.66 -0.76
CA SER A 15 4.69 -9.12 -0.88
C SER A 15 5.58 -8.46 0.18
N SER A 16 5.02 -7.52 0.95
CA SER A 16 5.76 -6.73 1.94
C SER A 16 6.46 -7.66 2.94
N THR A 17 5.68 -8.19 3.90
CA THR A 17 6.16 -9.23 4.80
C THR A 17 6.18 -10.57 4.08
N SER A 18 6.91 -11.53 4.67
CA SER A 18 6.91 -12.89 4.16
C SER A 18 6.01 -13.79 5.00
N ALA A 19 5.36 -13.20 6.03
CA ALA A 19 4.28 -13.83 6.77
C ALA A 19 3.57 -12.78 7.64
N ALA A 20 2.46 -13.17 8.27
CA ALA A 20 1.69 -12.29 9.14
C ALA A 20 2.47 -12.02 10.43
N SER A 21 2.86 -10.75 10.65
CA SER A 21 3.73 -10.42 11.76
C SER A 21 2.94 -10.42 13.07
N SER A 22 1.86 -9.64 13.11
CA SER A 22 1.07 -9.45 14.32
C SER A 22 -0.23 -10.24 14.23
N SER A 23 -0.93 -10.33 15.37
CA SER A 23 -2.17 -11.08 15.45
C SER A 23 -3.32 -10.29 14.85
N ASN A 24 -3.09 -9.00 14.60
CA ASN A 24 -4.14 -8.14 14.05
C ASN A 24 -3.71 -7.62 12.68
N TYR A 25 -2.88 -8.42 11.99
CA TYR A 25 -2.61 -8.21 10.58
C TYR A 25 -3.93 -8.17 9.79
N CYS A 26 -4.74 -9.20 9.96
CA CYS A 26 -5.97 -9.32 9.18
C CYS A 26 -6.84 -8.08 9.38
N ASN A 27 -6.92 -7.61 10.62
CA ASN A 27 -7.78 -6.47 10.93
C ASN A 27 -7.34 -5.26 10.13
N GLN A 28 -6.02 -5.07 9.99
CA GLN A 28 -5.51 -3.89 9.32
C GLN A 28 -5.57 -4.09 7.81
N MET A 29 -5.12 -5.26 7.36
CA MET A 29 -5.05 -5.54 5.93
C MET A 29 -6.45 -5.53 5.33
N MET A 30 -7.43 -6.13 6.01
CA MET A 30 -8.78 -6.20 5.48
C MET A 30 -9.34 -4.79 5.37
N LYS A 31 -8.87 -3.89 6.25
CA LYS A 31 -9.33 -2.52 6.22
C LYS A 31 -8.64 -1.79 5.07
N SER A 32 -7.32 -1.92 4.99
CA SER A 32 -6.52 -1.06 4.13
C SER A 32 -6.68 -1.47 2.67
N ARG A 33 -7.10 -2.73 2.44
CA ARG A 33 -7.34 -3.21 1.09
C ARG A 33 -8.81 -3.07 0.73
N ASN A 34 -9.55 -2.31 1.56
CA ASN A 34 -10.92 -1.89 1.31
C ASN A 34 -11.86 -3.09 1.23
N LEU A 35 -11.66 -4.05 2.13
CA LEU A 35 -12.49 -5.25 2.13
C LEU A 35 -13.52 -5.18 3.26
N THR A 36 -13.52 -4.09 4.03
CA THR A 36 -14.47 -3.92 5.11
C THR A 36 -15.37 -2.73 4.83
N LYS A 37 -15.59 -2.45 3.54
CA LYS A 37 -16.05 -1.14 3.13
C LYS A 37 -17.51 -0.98 3.53
N ASP A 38 -18.39 -1.62 2.77
CA ASP A 38 -19.83 -1.52 3.01
C ASP A 38 -20.27 -2.72 3.84
N ARG A 39 -19.40 -3.73 3.92
CA ARG A 39 -19.64 -4.88 4.78
C ARG A 39 -18.29 -5.49 5.15
N CYS A 40 -18.33 -6.46 6.07
CA CYS A 40 -17.16 -7.26 6.41
C CYS A 40 -17.03 -8.43 5.45
N LYS A 41 -16.01 -8.41 4.59
CA LYS A 41 -15.69 -9.59 3.81
C LYS A 41 -15.29 -10.69 4.77
N PRO A 42 -16.09 -11.78 4.86
CA PRO A 42 -15.92 -12.81 5.89
C PRO A 42 -14.61 -13.60 5.82
N VAL A 43 -14.21 -14.00 4.61
CA VAL A 43 -13.01 -14.81 4.45
C VAL A 43 -12.16 -14.18 3.35
N ASN A 44 -10.85 -14.09 3.59
CA ASN A 44 -9.91 -13.66 2.56
C ASN A 44 -8.50 -14.19 2.85
N THR A 45 -7.79 -14.52 1.79
CA THR A 45 -6.41 -14.97 1.91
C THR A 45 -5.46 -13.93 1.33
N PHE A 46 -4.32 -13.75 2.00
CA PHE A 46 -3.21 -12.95 1.49
C PHE A 46 -2.01 -13.83 1.18
N VAL A 47 -1.32 -13.49 0.09
CA VAL A 47 -0.19 -14.27 -0.37
C VAL A 47 1.07 -13.43 -0.21
N HIS A 48 2.14 -14.08 0.27
CA HIS A 48 3.35 -13.41 0.71
C HIS A 48 4.53 -14.00 -0.05
N GLU A 49 4.41 -14.01 -1.38
CA GLU A 49 5.50 -14.29 -2.27
C GLU A 49 5.53 -13.16 -3.30
N SER A 50 6.55 -13.14 -4.15
CA SER A 50 6.66 -12.10 -5.16
C SER A 50 5.48 -12.21 -6.14
N LEU A 51 5.09 -11.07 -6.71
CA LEU A 51 4.06 -11.05 -7.74
C LEU A 51 4.44 -12.02 -8.86
N ALA A 52 5.74 -12.08 -9.19
CA ALA A 52 6.23 -12.89 -10.29
C ALA A 52 6.04 -14.38 -10.00
N ASP A 53 6.28 -14.79 -8.76
CA ASP A 53 6.09 -16.19 -8.38
C ASP A 53 4.61 -16.55 -8.47
N VAL A 54 3.74 -15.63 -8.03
CA VAL A 54 2.31 -15.91 -8.01
C VAL A 54 1.78 -15.95 -9.44
N GLN A 55 2.18 -14.96 -10.23
CA GLN A 55 1.81 -14.90 -11.64
C GLN A 55 2.23 -16.20 -12.34
N ALA A 56 3.35 -16.80 -11.92
CA ALA A 56 3.90 -17.96 -12.59
C ALA A 56 3.03 -19.21 -12.38
N VAL A 57 2.13 -19.18 -11.39
CA VAL A 57 1.25 -20.31 -11.14
C VAL A 57 0.35 -20.56 -12.37
N CYS A 58 0.19 -19.52 -13.20
CA CYS A 58 -0.66 -19.60 -14.36
C CYS A 58 -0.07 -20.52 -15.43
N SER A 59 1.18 -20.94 -15.24
CA SER A 59 1.79 -21.93 -16.11
C SER A 59 2.23 -23.17 -15.32
N GLN A 60 1.56 -23.45 -14.19
CA GLN A 60 1.88 -24.65 -13.43
C GLN A 60 0.76 -25.67 -13.63
N LYS A 61 0.15 -26.17 -12.55
CA LYS A 61 -0.67 -27.37 -12.67
C LYS A 61 -2.11 -26.97 -12.95
N ASN A 62 -2.57 -27.27 -14.16
CA ASN A 62 -3.93 -26.93 -14.58
C ASN A 62 -4.90 -27.81 -13.80
N VAL A 63 -5.91 -27.19 -13.15
CA VAL A 63 -6.94 -27.91 -12.42
C VAL A 63 -8.31 -27.25 -12.66
N ALA A 64 -9.38 -27.98 -12.38
CA ALA A 64 -10.72 -27.42 -12.49
C ALA A 64 -10.90 -26.40 -11.36
N CYS A 65 -11.59 -25.32 -11.70
CA CYS A 65 -12.06 -24.36 -10.72
C CYS A 65 -13.29 -24.92 -10.01
N LYS A 66 -13.61 -24.35 -8.85
CA LYS A 66 -14.82 -24.68 -8.11
C LYS A 66 -16.05 -24.45 -8.97
N ASN A 67 -16.07 -23.35 -9.75
CA ASN A 67 -17.22 -23.04 -10.58
C ASN A 67 -17.22 -23.91 -11.83
N GLY A 68 -16.20 -24.74 -11.98
CA GLY A 68 -16.21 -25.73 -13.05
C GLY A 68 -15.56 -25.23 -14.35
N GLN A 69 -15.00 -24.02 -14.36
CA GLN A 69 -14.17 -23.60 -15.48
C GLN A 69 -12.85 -24.37 -15.46
N THR A 70 -12.08 -24.23 -16.55
CA THR A 70 -10.90 -25.04 -16.78
C THR A 70 -9.62 -24.18 -16.77
N ASN A 71 -9.72 -22.94 -16.28
CA ASN A 71 -8.62 -21.99 -16.34
C ASN A 71 -8.05 -21.76 -14.93
N CYS A 72 -8.08 -22.79 -14.09
CA CYS A 72 -7.49 -22.70 -12.77
C CYS A 72 -6.18 -23.47 -12.73
N TYR A 73 -5.32 -23.04 -11.81
CA TYR A 73 -3.94 -23.50 -11.74
C TYR A 73 -3.53 -23.59 -10.27
N GLN A 74 -2.89 -24.71 -9.93
CA GLN A 74 -2.40 -24.95 -8.59
C GLN A 74 -0.89 -24.76 -8.53
N SER A 75 -0.40 -24.09 -7.49
CA SER A 75 1.02 -23.82 -7.38
C SER A 75 1.75 -25.14 -7.11
N TYR A 76 2.85 -25.37 -7.84
CA TYR A 76 3.66 -26.55 -7.60
C TYR A 76 4.20 -26.51 -6.16
N SER A 77 4.73 -25.36 -5.73
CA SER A 77 5.31 -25.24 -4.42
C SER A 77 4.26 -24.71 -3.45
N THR A 78 4.43 -24.98 -2.15
CA THR A 78 3.70 -24.26 -1.12
C THR A 78 4.21 -22.83 -1.05
N MET A 79 3.33 -21.93 -0.61
CA MET A 79 3.65 -20.53 -0.49
C MET A 79 3.27 -20.04 0.91
N SER A 80 3.98 -19.02 1.38
CA SER A 80 3.60 -18.29 2.58
C SER A 80 2.29 -17.53 2.33
N ILE A 81 1.26 -17.89 3.09
CA ILE A 81 -0.03 -17.22 2.99
C ILE A 81 -0.54 -16.87 4.39
N THR A 82 -1.58 -16.02 4.45
CA THR A 82 -2.30 -15.71 5.69
C THR A 82 -3.81 -15.81 5.44
N ASP A 83 -4.49 -16.67 6.21
CA ASP A 83 -5.94 -16.75 6.14
C ASP A 83 -6.54 -15.77 7.14
N CYS A 84 -7.33 -14.82 6.62
CA CYS A 84 -8.19 -14.01 7.46
C CYS A 84 -9.60 -14.59 7.45
N ARG A 85 -10.16 -14.81 8.65
CA ARG A 85 -11.54 -15.23 8.79
C ARG A 85 -12.21 -14.46 9.91
N GLU A 86 -13.38 -13.89 9.61
CA GLU A 86 -14.13 -13.08 10.55
C GLU A 86 -14.43 -13.91 11.81
N THR A 87 -14.30 -13.30 12.98
CA THR A 87 -14.59 -13.97 14.24
C THR A 87 -16.09 -14.19 14.36
N GLY A 88 -16.48 -15.09 15.27
CA GLY A 88 -17.88 -15.33 15.58
C GLY A 88 -18.58 -14.05 16.05
N SER A 89 -17.79 -13.10 16.55
CA SER A 89 -18.29 -11.95 17.28
C SER A 89 -18.34 -10.70 16.39
N SER A 90 -17.48 -10.67 15.35
CA SER A 90 -17.34 -9.50 14.50
C SER A 90 -18.72 -8.91 14.18
N LYS A 91 -18.77 -7.59 14.04
CA LYS A 91 -19.94 -6.95 13.45
C LYS A 91 -19.52 -5.66 12.75
N TYR A 92 -19.98 -5.50 11.50
CA TYR A 92 -19.83 -4.27 10.75
C TYR A 92 -20.43 -3.11 11.54
N PRO A 93 -19.75 -1.94 11.63
CA PRO A 93 -18.54 -1.66 10.85
C PRO A 93 -17.24 -1.92 11.61
N ASN A 94 -17.35 -2.65 12.73
CA ASN A 94 -16.21 -3.00 13.54
C ASN A 94 -15.78 -4.43 13.20
N CYS A 95 -15.09 -4.59 12.07
CA CYS A 95 -14.84 -5.92 11.52
C CYS A 95 -13.69 -6.57 12.29
N ALA A 96 -13.87 -7.84 12.66
CA ALA A 96 -12.87 -8.55 13.46
C ALA A 96 -12.50 -9.87 12.78
N TYR A 97 -11.19 -10.12 12.69
CA TYR A 97 -10.63 -11.24 11.94
C TYR A 97 -9.59 -11.96 12.80
N LYS A 98 -9.62 -13.30 12.79
CA LYS A 98 -8.47 -14.07 13.21
C LYS A 98 -7.47 -14.15 12.05
N THR A 99 -6.19 -13.97 12.39
CA THR A 99 -5.10 -14.17 11.47
C THR A 99 -4.52 -15.56 11.67
N THR A 100 -4.42 -16.33 10.59
CA THR A 100 -3.71 -17.60 10.62
C THR A 100 -2.64 -17.61 9.53
N GLN A 101 -1.38 -17.75 9.96
CA GLN A 101 -0.26 -17.95 9.05
C GLN A 101 -0.32 -19.38 8.53
N ALA A 102 0.05 -19.58 7.26
CA ALA A 102 0.05 -20.92 6.70
C ALA A 102 1.05 -21.01 5.55
N ASN A 103 1.49 -22.24 5.28
CA ASN A 103 2.21 -22.54 4.06
C ASN A 103 1.44 -23.62 3.32
N LYS A 104 0.86 -23.25 2.17
CA LYS A 104 -0.01 -24.14 1.42
C LYS A 104 0.15 -23.85 -0.07
N HIS A 105 -0.29 -24.80 -0.91
CA HIS A 105 -0.38 -24.55 -2.34
C HIS A 105 -1.61 -23.70 -2.62
N ILE A 106 -1.47 -22.69 -3.50
CA ILE A 106 -2.59 -21.84 -3.86
C ILE A 106 -3.18 -22.31 -5.19
N ILE A 107 -4.49 -22.08 -5.36
CA ILE A 107 -5.15 -22.34 -6.63
C ILE A 107 -5.82 -21.05 -7.07
N VAL A 108 -5.47 -20.59 -8.27
CA VAL A 108 -5.95 -19.32 -8.78
C VAL A 108 -6.51 -19.56 -10.18
N ALA A 109 -7.45 -18.70 -10.58
CA ALA A 109 -7.94 -18.69 -11.95
C ALA A 109 -7.19 -17.63 -12.73
N CYS A 110 -6.79 -17.95 -13.96
CA CYS A 110 -5.98 -17.03 -14.73
C CYS A 110 -6.73 -16.61 -16.00
N GLU A 111 -6.54 -15.33 -16.37
CA GLU A 111 -7.21 -14.75 -17.52
C GLU A 111 -6.38 -13.61 -18.10
N GLY A 112 -6.63 -13.32 -19.37
CA GLY A 112 -6.22 -12.05 -19.96
C GLY A 112 -4.84 -12.15 -20.60
N ASN A 113 -4.40 -11.03 -21.16
CA ASN A 113 -3.06 -10.90 -21.73
C ASN A 113 -2.44 -9.66 -21.13
N PRO A 114 -1.45 -9.80 -20.21
CA PRO A 114 -0.84 -11.10 -19.92
C PRO A 114 -1.71 -12.00 -19.04
N TYR A 115 -1.40 -13.30 -19.06
CA TYR A 115 -2.16 -14.33 -18.37
C TYR A 115 -1.76 -14.36 -16.91
N VAL A 116 -2.62 -13.78 -16.06
CA VAL A 116 -2.27 -13.55 -14.68
C VAL A 116 -3.48 -13.94 -13.82
N PRO A 117 -3.30 -14.11 -12.50
CA PRO A 117 -4.40 -14.54 -11.66
C PRO A 117 -5.45 -13.44 -11.62
N VAL A 118 -6.72 -13.85 -11.68
CA VAL A 118 -7.84 -12.94 -11.53
C VAL A 118 -8.74 -13.39 -10.36
N HIS A 119 -8.63 -14.66 -9.92
CA HIS A 119 -9.47 -15.14 -8.84
C HIS A 119 -8.67 -16.07 -7.93
N PHE A 120 -8.89 -15.95 -6.62
CA PHE A 120 -8.30 -16.89 -5.69
C PHE A 120 -9.31 -17.99 -5.38
N ASP A 121 -9.03 -19.21 -5.86
CA ASP A 121 -10.02 -20.27 -5.79
C ASP A 121 -9.93 -21.03 -4.46
N ALA A 122 -8.71 -21.29 -3.98
CA ALA A 122 -8.52 -22.11 -2.80
C ALA A 122 -7.03 -22.16 -2.43
N SER A 123 -6.75 -22.53 -1.17
CA SER A 123 -5.43 -23.00 -0.78
C SER A 123 -5.54 -24.45 -0.33
N VAL A 124 -4.47 -25.23 -0.54
CA VAL A 124 -4.50 -26.65 -0.24
C VAL A 124 -3.11 -27.10 0.20
N LYS B 1 26.12 9.10 5.66
CA LYS B 1 25.01 9.96 5.18
C LYS B 1 23.69 9.52 5.81
N GLU B 2 22.63 10.24 5.45
CA GLU B 2 21.25 9.85 5.71
C GLU B 2 20.78 8.95 4.55
N THR B 3 20.07 7.87 4.88
CA THR B 3 19.54 6.96 3.85
C THR B 3 18.40 7.66 3.11
N ALA B 4 18.17 7.20 1.87
CA ALA B 4 17.02 7.64 1.09
C ALA B 4 15.73 7.41 1.87
N ALA B 5 15.67 6.29 2.59
CA ALA B 5 14.50 5.94 3.37
C ALA B 5 14.30 6.96 4.48
N ALA B 6 15.43 7.33 5.11
CA ALA B 6 15.42 8.26 6.22
C ALA B 6 15.09 9.64 5.71
N LYS B 7 15.62 9.96 4.53
CA LYS B 7 15.37 11.24 3.91
C LYS B 7 13.89 11.31 3.54
N PHE B 8 13.32 10.18 3.14
CA PHE B 8 11.89 10.14 2.83
C PHE B 8 11.10 10.40 4.11
N GLU B 9 11.54 9.77 5.21
CA GLU B 9 10.84 9.88 6.47
C GLU B 9 10.89 11.32 6.98
N ARG B 10 12.05 11.95 6.79
CA ARG B 10 12.29 13.32 7.23
C ARG B 10 11.42 14.28 6.42
N GLN B 11 11.40 14.10 5.10
CA GLN B 11 10.82 15.08 4.21
C GLN B 11 9.30 15.01 4.19
N HIS B 12 8.70 13.85 4.58
CA HIS B 12 7.36 13.54 4.12
C HIS B 12 6.48 12.90 5.21
N MET B 13 7.09 12.35 6.27
CA MET B 13 6.36 11.64 7.31
C MET B 13 6.13 12.54 8.51
N ASP B 14 4.87 12.60 8.97
CA ASP B 14 4.51 13.28 10.20
C ASP B 14 3.30 12.59 10.82
N SER B 15 3.57 11.54 11.60
CA SER B 15 2.52 10.73 12.18
C SER B 15 1.85 11.45 13.34
N SER B 16 2.66 12.15 14.16
CA SER B 16 2.18 12.78 15.38
C SER B 16 0.76 13.29 15.19
N THR B 17 0.58 14.21 14.24
CA THR B 17 -0.67 14.91 14.05
C THR B 17 -1.41 14.29 12.87
N SER B 18 -2.68 13.93 13.10
CA SER B 18 -3.52 13.33 12.07
C SER B 18 -4.00 14.38 11.08
N ALA B 19 -3.56 15.63 11.26
CA ALA B 19 -3.75 16.68 10.28
C ALA B 19 -2.84 17.86 10.59
N ALA B 20 -3.02 18.96 9.84
CA ALA B 20 -2.19 20.15 9.97
C ALA B 20 -3.02 21.30 10.56
N SER B 21 -2.66 21.73 11.77
CA SER B 21 -3.49 22.66 12.53
C SER B 21 -3.23 24.09 12.09
N SER B 22 -2.00 24.57 12.30
CA SER B 22 -1.62 25.91 11.87
C SER B 22 -1.99 26.09 10.41
N SER B 23 -2.26 27.32 10.01
CA SER B 23 -2.21 27.69 8.61
C SER B 23 -0.84 28.25 8.28
N ASN B 24 0.11 28.06 9.20
CA ASN B 24 1.52 28.25 8.91
C ASN B 24 2.29 26.96 9.15
N TYR B 25 1.55 25.88 9.48
CA TYR B 25 2.14 24.62 9.94
C TYR B 25 3.34 24.27 9.07
N CYS B 26 3.26 24.63 7.78
CA CYS B 26 4.30 24.28 6.82
C CYS B 26 5.60 25.03 7.12
N ASN B 27 5.51 26.13 7.89
CA ASN B 27 6.67 26.96 8.16
C ASN B 27 7.56 26.31 9.20
N GLN B 28 6.96 25.84 10.30
CA GLN B 28 7.69 25.13 11.33
C GLN B 28 8.30 23.86 10.73
N MET B 29 7.49 23.16 9.92
CA MET B 29 7.82 21.83 9.45
C MET B 29 8.89 21.91 8.37
N MET B 30 8.64 22.72 7.33
CA MET B 30 9.60 22.88 6.26
C MET B 30 10.95 23.33 6.82
N LYS B 31 10.90 24.01 7.98
CA LYS B 31 12.10 24.50 8.63
C LYS B 31 12.71 23.38 9.48
N SER B 32 11.92 22.83 10.41
CA SER B 32 12.42 21.81 11.33
C SER B 32 13.00 20.62 10.55
N ARG B 33 12.51 20.41 9.32
CA ARG B 33 12.86 19.24 8.54
C ARG B 33 13.95 19.58 7.51
N ASN B 34 14.46 20.82 7.59
CA ASN B 34 15.69 21.17 6.90
C ASN B 34 15.42 21.28 5.40
N LEU B 35 14.19 21.62 5.03
CA LEU B 35 13.83 21.72 3.63
C LEU B 35 14.02 23.16 3.15
N THR B 36 14.44 24.04 4.07
CA THR B 36 14.62 25.44 3.79
C THR B 36 16.05 25.87 4.10
N LYS B 37 16.86 24.93 4.61
CA LYS B 37 18.17 25.24 5.17
C LYS B 37 18.99 26.02 4.14
N ASP B 38 19.03 25.52 2.90
CA ASP B 38 19.96 26.03 1.90
C ASP B 38 19.20 26.72 0.77
N ARG B 39 17.87 26.53 0.77
CA ARG B 39 17.00 27.30 -0.10
C ARG B 39 15.56 26.94 0.26
N CYS B 40 14.62 27.71 -0.29
CA CYS B 40 13.20 27.44 -0.07
C CYS B 40 12.78 26.30 -0.98
N LYS B 41 12.52 25.13 -0.41
CA LYS B 41 11.94 24.07 -1.20
C LYS B 41 10.56 24.53 -1.68
N PRO B 42 10.38 24.73 -3.00
CA PRO B 42 9.16 25.35 -3.52
C PRO B 42 7.87 24.66 -3.04
N VAL B 43 7.79 23.34 -3.24
CA VAL B 43 6.64 22.54 -2.85
C VAL B 43 7.10 21.34 -2.04
N ASN B 44 6.22 20.86 -1.14
CA ASN B 44 6.44 19.63 -0.41
C ASN B 44 5.11 19.09 0.09
N THR B 45 5.01 17.77 0.26
CA THR B 45 3.83 17.15 0.86
C THR B 45 4.22 16.32 2.08
N PHE B 46 3.43 16.44 3.15
CA PHE B 46 3.56 15.62 4.35
C PHE B 46 2.36 14.69 4.46
N VAL B 47 2.57 13.53 5.09
CA VAL B 47 1.54 12.49 5.19
C VAL B 47 1.32 12.16 6.66
N HIS B 48 0.07 12.33 7.11
CA HIS B 48 -0.27 12.16 8.51
C HIS B 48 -0.82 10.77 8.73
N GLU B 49 0.04 9.75 8.62
CA GLU B 49 -0.38 8.38 8.84
C GLU B 49 0.75 7.59 9.50
N SER B 50 0.40 6.42 10.04
CA SER B 50 1.38 5.55 10.67
C SER B 50 2.47 5.22 9.65
N LEU B 51 3.69 5.00 10.13
CA LEU B 51 4.78 4.69 9.23
C LEU B 51 4.44 3.45 8.43
N ALA B 52 3.96 2.40 9.12
CA ALA B 52 3.78 1.10 8.48
C ALA B 52 2.69 1.20 7.42
N ASP B 53 1.73 2.11 7.65
CA ASP B 53 0.66 2.36 6.68
C ASP B 53 1.27 2.86 5.37
N VAL B 54 2.16 3.84 5.46
CA VAL B 54 2.80 4.41 4.28
C VAL B 54 3.70 3.35 3.65
N GLN B 55 4.52 2.70 4.47
CA GLN B 55 5.45 1.70 4.00
C GLN B 55 4.68 0.61 3.24
N ALA B 56 3.47 0.29 3.70
CA ALA B 56 2.69 -0.80 3.11
C ALA B 56 2.29 -0.43 1.68
N VAL B 57 2.33 0.86 1.34
CA VAL B 57 1.94 1.31 0.02
C VAL B 57 2.86 0.68 -1.02
N CYS B 58 4.06 0.29 -0.58
CA CYS B 58 5.05 -0.30 -1.48
C CYS B 58 4.58 -1.66 -1.97
N SER B 59 3.49 -2.18 -1.38
CA SER B 59 2.95 -3.44 -1.82
C SER B 59 1.53 -3.28 -2.39
N GLN B 60 1.12 -2.04 -2.68
CA GLN B 60 -0.24 -1.76 -3.14
C GLN B 60 -0.22 -1.57 -4.66
N LYS B 61 -0.97 -0.59 -5.21
CA LYS B 61 -1.22 -0.58 -6.64
C LYS B 61 0.00 -0.06 -7.40
N ASN B 62 0.54 -0.88 -8.28
CA ASN B 62 1.74 -0.53 -9.03
C ASN B 62 1.33 0.42 -10.15
N VAL B 63 2.00 1.58 -10.21
CA VAL B 63 1.70 2.57 -11.23
C VAL B 63 3.02 3.18 -11.74
N ALA B 64 2.95 3.78 -12.93
CA ALA B 64 4.10 4.42 -13.53
C ALA B 64 4.47 5.68 -12.75
N CYS B 65 5.76 5.80 -12.41
CA CYS B 65 6.32 7.02 -11.87
C CYS B 65 6.33 8.10 -12.92
N LYS B 66 6.32 9.34 -12.47
CA LYS B 66 6.32 10.51 -13.34
C LYS B 66 7.54 10.49 -14.25
N ASN B 67 8.63 9.85 -13.82
CA ASN B 67 9.88 9.90 -14.55
C ASN B 67 10.05 8.63 -15.39
N GLY B 68 9.05 7.76 -15.38
CA GLY B 68 9.00 6.70 -16.35
C GLY B 68 9.55 5.39 -15.80
N GLN B 69 10.01 5.41 -14.54
CA GLN B 69 10.36 4.17 -13.85
C GLN B 69 9.07 3.50 -13.39
N THR B 70 9.18 2.23 -12.98
CA THR B 70 8.03 1.39 -12.74
C THR B 70 7.88 1.05 -11.25
N ASN B 71 8.67 1.71 -10.39
CA ASN B 71 8.73 1.37 -8.97
C ASN B 71 7.88 2.33 -8.15
N CYS B 72 6.74 2.77 -8.71
CA CYS B 72 5.79 3.59 -7.98
C CYS B 72 4.52 2.80 -7.64
N TYR B 73 3.92 3.16 -6.50
CA TYR B 73 2.76 2.47 -5.96
C TYR B 73 1.79 3.52 -5.41
N GLN B 74 0.50 3.28 -5.65
CA GLN B 74 -0.56 4.18 -5.22
C GLN B 74 -1.35 3.53 -4.09
N SER B 75 -1.75 4.33 -3.09
CA SER B 75 -2.43 3.84 -1.91
C SER B 75 -3.87 3.44 -2.26
N TYR B 76 -4.31 2.29 -1.77
CA TYR B 76 -5.66 1.83 -2.04
C TYR B 76 -6.65 2.79 -1.35
N SER B 77 -6.23 3.30 -0.19
CA SER B 77 -7.06 4.21 0.61
C SER B 77 -6.53 5.63 0.48
N THR B 78 -7.43 6.61 0.57
CA THR B 78 -7.01 8.00 0.73
C THR B 78 -6.22 8.12 2.02
N MET B 79 -5.46 9.22 2.14
CA MET B 79 -4.64 9.44 3.32
C MET B 79 -4.65 10.93 3.66
N SER B 80 -4.58 11.23 4.96
CA SER B 80 -4.47 12.61 5.42
C SER B 80 -3.09 13.14 5.07
N ILE B 81 -3.04 14.18 4.23
CA ILE B 81 -1.79 14.79 3.82
C ILE B 81 -1.91 16.31 3.94
N THR B 82 -0.76 16.99 3.90
CA THR B 82 -0.72 18.45 3.88
C THR B 82 0.25 18.92 2.80
N ASP B 83 -0.27 19.72 1.87
CA ASP B 83 0.53 20.32 0.81
C ASP B 83 1.14 21.62 1.31
N CYS B 84 2.44 21.78 1.09
CA CYS B 84 3.15 23.01 1.39
C CYS B 84 3.58 23.68 0.09
N ARG B 85 3.06 24.88 -0.14
CA ARG B 85 3.42 25.69 -1.30
C ARG B 85 3.95 27.04 -0.82
N GLU B 86 4.95 27.56 -1.52
CA GLU B 86 5.60 28.81 -1.17
C GLU B 86 4.62 29.96 -1.35
N THR B 87 4.51 30.83 -0.34
CA THR B 87 3.86 32.12 -0.51
C THR B 87 4.77 33.02 -1.35
N GLY B 88 4.25 33.52 -2.47
CA GLY B 88 5.04 34.32 -3.40
C GLY B 88 5.79 35.47 -2.71
N SER B 89 5.32 35.84 -1.51
CA SER B 89 5.94 36.88 -0.72
C SER B 89 6.88 36.29 0.32
N SER B 90 7.41 35.08 0.06
CA SER B 90 8.45 34.49 0.88
C SER B 90 9.81 34.79 0.27
N LYS B 91 10.85 34.71 1.10
CA LYS B 91 12.19 35.11 0.69
C LYS B 91 13.19 34.32 1.52
N TYR B 92 14.07 33.55 0.84
CA TYR B 92 15.22 33.01 1.52
C TYR B 92 15.91 34.18 2.21
N PRO B 93 16.01 34.20 3.55
CA PRO B 93 15.92 32.99 4.37
C PRO B 93 14.65 32.88 5.22
N ASN B 94 13.57 33.55 4.77
CA ASN B 94 12.32 33.57 5.51
C ASN B 94 11.21 33.02 4.62
N CYS B 95 11.40 31.76 4.19
CA CYS B 95 10.42 31.08 3.35
C CYS B 95 9.12 30.90 4.14
N ALA B 96 7.99 31.18 3.48
CA ALA B 96 6.68 31.03 4.09
C ALA B 96 5.81 30.15 3.18
N TYR B 97 4.93 29.35 3.83
CA TYR B 97 4.33 28.18 3.18
C TYR B 97 2.85 28.07 3.54
N LYS B 98 2.01 28.03 2.50
CA LYS B 98 0.58 27.84 2.65
C LYS B 98 0.30 26.39 3.06
N THR B 99 -0.40 26.22 4.18
CA THR B 99 -0.78 24.92 4.68
C THR B 99 -2.17 24.54 4.13
N THR B 100 -2.18 23.61 3.18
CA THR B 100 -3.42 23.08 2.61
C THR B 100 -3.66 21.69 3.18
N GLN B 101 -4.90 21.43 3.61
CA GLN B 101 -5.26 20.09 4.06
C GLN B 101 -6.03 19.40 2.93
N ALA B 102 -5.81 18.08 2.80
CA ALA B 102 -6.54 17.26 1.84
C ALA B 102 -6.51 15.80 2.29
N ASN B 103 -7.48 15.02 1.81
CA ASN B 103 -7.46 13.58 1.98
C ASN B 103 -7.39 12.93 0.59
N LYS B 104 -6.24 12.32 0.30
CA LYS B 104 -5.92 11.92 -1.06
C LYS B 104 -5.11 10.63 -1.06
N HIS B 105 -5.15 9.91 -2.18
CA HIS B 105 -4.29 8.76 -2.39
C HIS B 105 -2.88 9.25 -2.68
N ILE B 106 -1.89 8.61 -2.08
CA ILE B 106 -0.51 8.99 -2.30
C ILE B 106 0.13 8.01 -3.28
N ILE B 107 1.11 8.51 -4.02
CA ILE B 107 1.97 7.70 -4.86
C ILE B 107 3.42 7.91 -4.43
N VAL B 108 4.12 6.81 -4.12
CA VAL B 108 5.50 6.85 -3.69
C VAL B 108 6.31 5.89 -4.56
N ALA B 109 7.59 6.21 -4.75
CA ALA B 109 8.54 5.26 -5.31
C ALA B 109 9.23 4.52 -4.17
N CYS B 110 9.35 3.20 -4.37
CA CYS B 110 9.94 2.32 -3.37
C CYS B 110 11.20 1.66 -3.93
N GLU B 111 12.14 1.39 -3.02
CA GLU B 111 13.44 0.84 -3.35
C GLU B 111 13.97 0.13 -2.11
N GLY B 112 14.81 -0.87 -2.34
CA GLY B 112 15.71 -1.35 -1.32
C GLY B 112 15.25 -2.67 -0.73
N ASN B 113 16.08 -3.20 0.17
CA ASN B 113 15.77 -4.39 0.92
C ASN B 113 15.99 -4.08 2.40
N PRO B 114 14.94 -3.65 3.14
CA PRO B 114 13.56 -3.87 2.74
C PRO B 114 13.08 -2.86 1.70
N TYR B 115 11.99 -3.20 1.01
CA TYR B 115 11.37 -2.34 0.01
C TYR B 115 10.53 -1.25 0.70
N VAL B 116 11.01 -0.01 0.64
CA VAL B 116 10.44 1.08 1.41
C VAL B 116 10.39 2.34 0.56
N PRO B 117 9.50 3.31 0.91
CA PRO B 117 9.43 4.58 0.19
C PRO B 117 10.76 5.34 0.25
N VAL B 118 11.20 5.84 -0.91
CA VAL B 118 12.38 6.69 -0.98
C VAL B 118 12.02 8.01 -1.68
N HIS B 119 10.79 8.15 -2.16
CA HIS B 119 10.40 9.30 -2.98
C HIS B 119 8.89 9.44 -2.98
N PHE B 120 8.40 10.67 -2.87
CA PHE B 120 6.97 10.96 -2.96
C PHE B 120 6.67 11.53 -4.35
N ASP B 121 5.95 10.77 -5.19
CA ASP B 121 5.82 11.13 -6.60
C ASP B 121 4.62 12.04 -6.82
N ALA B 122 3.50 11.78 -6.13
CA ALA B 122 2.27 12.51 -6.41
C ALA B 122 1.22 12.21 -5.35
N SER B 123 0.13 12.98 -5.43
CA SER B 123 -1.11 12.69 -4.71
C SER B 123 -2.27 12.82 -5.68
N VAL B 124 -3.32 12.00 -5.50
CA VAL B 124 -4.41 11.98 -6.46
C VAL B 124 -5.73 11.70 -5.74
#